data_3S1C
#
_entry.id   3S1C
#
_cell.length_a   250.950
_cell.length_b   50.620
_cell.length_c   51.400
_cell.angle_alpha   90.00
_cell.angle_beta   93.97
_cell.angle_gamma   90.00
#
_symmetry.space_group_name_H-M   'C 1 2 1'
#
loop_
_entity.id
_entity.type
_entity.pdbx_description
1 polymer 'Cytokinin dehydrogenase 1'
2 branched 2-acetamido-2-deoxy-beta-D-glucopyranose-(1-4)-2-acetamido-2-deoxy-beta-D-glucopyranose
3 non-polymer 'FLAVIN-ADENINE DINUCLEOTIDE'
4 non-polymer N-(3-methylbut-2-en-1-yl)adenosine
5 non-polymer GLYCEROL
6 non-polymer 'POLYETHYLENE GLYCOL (N=34)'
7 non-polymer DI(HYDROXYETHYL)ETHER
8 non-polymer 2-acetamido-2-deoxy-beta-D-glucopyranose
9 water water
#
_entity_poly.entity_id   1
_entity_poly.type   'polypeptide(L)'
_entity_poly.pdbx_seq_one_letter_code
;LAAGTPALGDDRGRPWPASLAALALDGKLRTDSNATAAASTDFGNITSALPAAVLYPSSTADLVALLSAANSTPGWPYTI
AFRGRGHSLMGQAFAPGGVVVNMASLGDAAAPPRINVSADGRYVDAGGEQVWIDVLRASLARGVAPRSWTDYLYLTVGGT
LSNAGISGQAFRHGPQISNVLEMDVITGHGEMVTCSKQLNADLFDAVLGGLGQFGVITRARIAVEPAPARARWVRLVYTD
FAAFSADQERLTAPRPGGGGASFGPMSYVEGSVFVNQSLATDLANTGFFTDADVARIVALAGERNATTVYSIEATLNYDN
ATAAAAAVDQELASVLGTLSYVEGFAFQRDVAYAAFLDRVHGEEVALNKLGLWRVPHPWLNMFVPRSRIADFDRGVFKGI
LQGTDIVGPLIVYPLNKSMWDDGMSAATPSEDVFYAVSLLFSSVAPNDLARLQEQNRRILRFCDLAGIQYKTYLARHTDR
SDWVRHFGAAKWNRFVEMKNKYDPKRLLSPGQDIFN
;
_entity_poly.pdbx_strand_id   A
#
loop_
_chem_comp.id
_chem_comp.type
_chem_comp.name
_chem_comp.formula
15P non-polymer 'POLYETHYLENE GLYCOL (N=34)' 'C69 H140 O35'
FAD non-polymer 'FLAVIN-ADENINE DINUCLEOTIDE' 'C27 H33 N9 O15 P2'
GOL non-polymer GLYCEROL 'C3 H8 O3'
NAG D-saccharide, beta linking 2-acetamido-2-deoxy-beta-D-glucopyranose 'C8 H15 N O6'
PEG non-polymer DI(HYDROXYETHYL)ETHER 'C4 H10 O3'
ZIR non-polymer N-(3-methylbut-2-en-1-yl)adenosine 'C15 H21 N5 O4'
#
# COMPACT_ATOMS: atom_id res chain seq x y z
N PRO A 15 -35.16 4.26 -19.38
CA PRO A 15 -35.48 2.83 -19.15
C PRO A 15 -34.27 2.02 -18.69
N TRP A 16 -34.53 0.93 -17.95
CA TRP A 16 -33.51 0.04 -17.41
C TRP A 16 -33.38 -1.26 -18.21
N PRO A 17 -32.15 -1.74 -18.52
CA PRO A 17 -32.04 -3.02 -19.22
C PRO A 17 -32.43 -4.14 -18.26
N ALA A 18 -33.00 -5.23 -18.80
CA ALA A 18 -33.49 -6.39 -18.05
C ALA A 18 -32.51 -6.91 -17.00
N SER A 19 -31.21 -7.00 -17.35
CA SER A 19 -30.15 -7.46 -16.45
C SER A 19 -29.88 -6.50 -15.28
N LEU A 20 -30.03 -5.19 -15.50
CA LEU A 20 -29.84 -4.16 -14.47
C LEU A 20 -31.02 -4.13 -13.51
N ALA A 21 -32.25 -4.33 -14.02
CA ALA A 21 -33.49 -4.37 -13.23
C ALA A 21 -33.54 -5.64 -12.36
N ALA A 22 -32.95 -6.74 -12.88
CA ALA A 22 -32.86 -8.04 -12.22
C ALA A 22 -32.05 -7.93 -10.93
N LEU A 23 -30.97 -7.10 -10.94
CA LEU A 23 -30.12 -6.85 -9.78
C LEU A 23 -30.94 -6.21 -8.67
N ALA A 24 -31.77 -5.18 -8.99
CA ALA A 24 -32.66 -4.49 -8.04
C ALA A 24 -33.72 -5.46 -7.51
N LEU A 25 -34.35 -6.22 -8.43
CA LEU A 25 -35.39 -7.22 -8.15
C LEU A 25 -34.87 -8.30 -7.19
N ASP A 26 -33.60 -8.74 -7.37
CA ASP A 26 -32.96 -9.74 -6.50
C ASP A 26 -32.34 -9.13 -5.23
N GLY A 27 -32.58 -7.83 -5.00
CA GLY A 27 -32.09 -7.08 -3.84
C GLY A 27 -30.61 -6.78 -3.82
N LYS A 28 -29.92 -6.90 -4.98
CA LYS A 28 -28.47 -6.63 -5.11
C LYS A 28 -28.15 -5.14 -5.18
N LEU A 29 -29.08 -4.34 -5.71
CA LEU A 29 -28.95 -2.90 -5.85
C LEU A 29 -29.78 -2.23 -4.76
N ARG A 30 -29.09 -1.69 -3.74
CA ARG A 30 -29.66 -1.08 -2.54
C ARG A 30 -29.53 0.44 -2.49
N THR A 31 -30.65 1.11 -2.13
CA THR A 31 -30.74 2.57 -2.06
C THR A 31 -31.02 3.05 -0.64
N ASP A 32 -31.13 2.10 0.31
CA ASP A 32 -31.42 2.37 1.73
C ASP A 32 -30.26 3.10 2.43
N SER A 33 -30.61 3.97 3.39
CA SER A 33 -29.69 4.79 4.17
C SER A 33 -28.56 4.01 4.84
N ASN A 34 -28.81 2.75 5.21
CA ASN A 34 -27.81 1.89 5.83
C ASN A 34 -26.72 1.49 4.84
N ALA A 35 -27.13 1.08 3.62
CA ALA A 35 -26.26 0.67 2.52
C ALA A 35 -25.39 1.85 2.05
N THR A 36 -26.01 3.02 1.79
CA THR A 36 -25.35 4.24 1.31
C THR A 36 -24.40 4.86 2.33
N ALA A 37 -24.76 4.83 3.64
CA ALA A 37 -23.95 5.41 4.72
C ALA A 37 -22.63 4.66 4.91
N ALA A 38 -22.68 3.32 4.87
CA ALA A 38 -21.52 2.44 5.01
C ALA A 38 -20.49 2.65 3.87
N ALA A 39 -20.97 2.92 2.65
CA ALA A 39 -20.15 3.15 1.47
C ALA A 39 -19.84 4.65 1.22
N SER A 40 -20.06 5.49 2.24
CA SER A 40 -19.84 6.94 2.19
C SER A 40 -18.61 7.36 3.01
N THR A 41 -18.10 6.47 3.86
CA THR A 41 -16.91 6.78 4.67
C THR A 41 -15.72 5.87 4.32
N ASP A 42 -14.50 6.34 4.56
CA ASP A 42 -13.30 5.56 4.28
C ASP A 42 -12.34 5.64 5.45
N PHE A 43 -11.20 4.91 5.37
CA PHE A 43 -10.19 4.91 6.43
C PHE A 43 -9.66 6.31 6.81
N GLY A 44 -9.48 7.18 5.83
CA GLY A 44 -8.99 8.54 6.07
C GLY A 44 -9.82 9.32 7.08
N ASN A 45 -11.16 9.12 7.06
CA ASN A 45 -12.14 9.72 7.96
C ASN A 45 -12.07 11.27 7.94
N ILE A 46 -11.79 11.84 6.74
CA ILE A 46 -11.65 13.29 6.51
C ILE A 46 -12.72 13.78 5.54
N THR A 47 -12.99 12.98 4.50
CA THR A 47 -13.99 13.29 3.49
C THR A 47 -15.03 12.19 3.40
N SER A 48 -16.29 12.58 3.12
CA SER A 48 -17.45 11.69 2.96
C SER A 48 -18.19 12.07 1.69
N ALA A 49 -18.82 11.08 1.04
CA ALA A 49 -19.62 11.29 -0.17
C ALA A 49 -20.64 10.17 -0.30
N LEU A 50 -21.93 10.51 -0.11
CA LEU A 50 -23.02 9.55 -0.17
C LEU A 50 -23.29 9.09 -1.60
N PRO A 51 -23.28 7.77 -1.89
CA PRO A 51 -23.63 7.33 -3.24
C PRO A 51 -25.17 7.29 -3.39
N ALA A 52 -25.67 7.14 -4.63
CA ALA A 52 -27.11 7.02 -4.90
C ALA A 52 -27.57 5.60 -4.57
N ALA A 53 -26.70 4.60 -4.90
CA ALA A 53 -26.95 3.18 -4.66
C ALA A 53 -25.66 2.40 -4.40
N VAL A 54 -25.79 1.18 -3.85
CA VAL A 54 -24.70 0.26 -3.57
C VAL A 54 -25.06 -1.08 -4.24
N LEU A 55 -24.13 -1.64 -5.03
CA LEU A 55 -24.34 -2.95 -5.63
C LEU A 55 -23.58 -3.98 -4.81
N TYR A 56 -24.27 -5.08 -4.43
CA TYR A 56 -23.71 -6.23 -3.72
C TYR A 56 -23.72 -7.39 -4.75
N PRO A 57 -22.68 -7.48 -5.64
CA PRO A 57 -22.71 -8.54 -6.66
C PRO A 57 -22.43 -9.92 -6.09
N SER A 58 -23.12 -10.95 -6.59
CA SER A 58 -22.94 -12.35 -6.15
C SER A 58 -22.00 -13.10 -7.11
N SER A 59 -21.82 -12.53 -8.32
CA SER A 59 -20.97 -13.07 -9.38
C SER A 59 -20.47 -11.92 -10.26
N THR A 60 -19.47 -12.21 -11.13
CA THR A 60 -18.88 -11.25 -12.06
C THR A 60 -19.87 -10.83 -13.17
N ALA A 61 -20.93 -11.66 -13.44
CA ALA A 61 -21.97 -11.36 -14.43
C ALA A 61 -22.77 -10.12 -14.02
N ASP A 62 -22.94 -9.91 -12.71
CA ASP A 62 -23.63 -8.76 -12.08
C ASP A 62 -22.87 -7.47 -12.32
N LEU A 63 -21.52 -7.55 -12.31
CA LEU A 63 -20.62 -6.43 -12.60
C LEU A 63 -20.65 -6.13 -14.09
N VAL A 64 -20.72 -7.18 -14.94
CA VAL A 64 -20.87 -7.07 -16.40
C VAL A 64 -22.21 -6.36 -16.71
N ALA A 65 -23.30 -6.79 -16.02
CA ALA A 65 -24.66 -6.22 -16.13
C ALA A 65 -24.71 -4.71 -15.84
N LEU A 66 -24.06 -4.25 -14.76
CA LEU A 66 -24.02 -2.84 -14.36
C LEU A 66 -23.19 -2.00 -15.34
N LEU A 67 -21.99 -2.52 -15.69
CA LEU A 67 -21.06 -1.83 -16.59
C LEU A 67 -21.54 -1.80 -18.03
N SER A 68 -22.22 -2.87 -18.50
CA SER A 68 -22.83 -2.90 -19.85
C SER A 68 -24.01 -1.92 -19.89
N ALA A 69 -24.85 -1.89 -18.83
CA ALA A 69 -25.99 -0.98 -18.70
C ALA A 69 -25.50 0.48 -18.65
N ALA A 70 -24.31 0.71 -18.09
CA ALA A 70 -23.71 2.04 -18.04
C ALA A 70 -23.23 2.47 -19.43
N ASN A 71 -22.62 1.55 -20.19
CA ASN A 71 -22.10 1.79 -21.53
C ASN A 71 -23.17 1.87 -22.63
N SER A 72 -24.29 1.15 -22.44
CA SER A 72 -25.40 1.09 -23.39
C SER A 72 -26.56 2.08 -23.10
N THR A 73 -26.48 2.85 -22.00
CA THR A 73 -27.52 3.82 -21.65
C THR A 73 -27.08 5.24 -22.04
N PRO A 74 -27.73 5.87 -23.04
CA PRO A 74 -27.37 7.24 -23.42
C PRO A 74 -27.67 8.21 -22.29
N GLY A 75 -26.64 8.96 -21.91
CA GLY A 75 -26.72 9.93 -20.82
C GLY A 75 -26.76 9.29 -19.44
N TRP A 76 -26.13 8.10 -19.28
CA TRP A 76 -26.00 7.38 -17.99
C TRP A 76 -25.27 8.34 -17.03
N PRO A 77 -25.93 8.81 -15.96
CA PRO A 77 -25.31 9.84 -15.11
C PRO A 77 -24.64 9.33 -13.83
N TYR A 78 -24.54 8.00 -13.68
CA TYR A 78 -24.00 7.38 -12.47
C TYR A 78 -22.55 6.93 -12.59
N THR A 79 -21.66 7.59 -11.82
CA THR A 79 -20.25 7.23 -11.73
C THR A 79 -20.19 5.93 -10.93
N ILE A 80 -19.19 5.06 -11.21
CA ILE A 80 -19.04 3.77 -10.53
C ILE A 80 -17.70 3.63 -9.77
N ALA A 81 -17.76 3.25 -8.48
CA ALA A 81 -16.56 3.00 -7.68
C ALA A 81 -16.56 1.56 -7.17
N PHE A 82 -15.36 0.97 -7.01
CA PHE A 82 -15.22 -0.42 -6.56
C PHE A 82 -14.62 -0.41 -5.16
N ARG A 83 -15.47 -0.54 -4.14
CA ARG A 83 -14.99 -0.51 -2.76
C ARG A 83 -14.42 -1.85 -2.33
N GLY A 84 -13.13 -1.86 -1.99
CA GLY A 84 -12.45 -3.05 -1.51
C GLY A 84 -12.77 -3.22 -0.04
N ARG A 85 -11.96 -2.55 0.80
CA ARG A 85 -12.14 -2.47 2.25
C ARG A 85 -12.26 -0.97 2.66
N GLY A 86 -12.26 -0.08 1.66
CA GLY A 86 -12.33 1.36 1.83
C GLY A 86 -11.16 1.93 2.59
N HIS A 87 -9.95 1.37 2.36
CA HIS A 87 -8.73 1.85 3.04
C HIS A 87 -8.14 3.15 2.50
N SER A 88 -8.80 3.71 1.48
CA SER A 88 -8.49 4.99 0.84
C SER A 88 -8.46 6.10 1.90
N LEU A 89 -7.63 7.14 1.67
CA LEU A 89 -7.42 8.22 2.63
C LEU A 89 -8.25 9.45 2.39
N MET A 90 -8.49 9.77 1.08
CA MET A 90 -9.17 10.98 0.64
CA MET A 90 -9.19 10.98 0.67
C MET A 90 -10.31 10.75 -0.37
N GLY A 91 -11.19 9.79 -0.07
CA GLY A 91 -12.37 9.48 -0.86
C GLY A 91 -12.25 8.75 -2.18
N GLN A 92 -11.08 8.13 -2.46
CA GLN A 92 -10.81 7.40 -3.71
C GLN A 92 -11.79 6.27 -4.04
N ALA A 93 -12.44 5.68 -3.02
CA ALA A 93 -13.41 4.59 -3.23
C ALA A 93 -14.89 5.07 -3.30
N PHE A 94 -15.14 6.40 -3.34
CA PHE A 94 -16.53 6.88 -3.36
C PHE A 94 -17.06 7.10 -4.75
N ALA A 95 -18.40 7.02 -4.88
CA ALA A 95 -19.12 7.33 -6.13
C ALA A 95 -20.19 8.37 -5.70
N PRO A 96 -19.80 9.67 -5.53
CA PRO A 96 -20.78 10.68 -5.06
C PRO A 96 -21.99 10.81 -5.96
N GLY A 97 -23.15 10.41 -5.42
CA GLY A 97 -24.42 10.37 -6.13
C GLY A 97 -24.41 9.37 -7.27
N GLY A 98 -23.62 8.31 -7.11
CA GLY A 98 -23.46 7.26 -8.10
C GLY A 98 -23.61 5.88 -7.49
N VAL A 99 -22.96 4.88 -8.10
CA VAL A 99 -23.03 3.49 -7.64
C VAL A 99 -21.70 2.98 -7.07
N VAL A 100 -21.68 2.60 -5.78
CA VAL A 100 -20.50 2.00 -5.16
C VAL A 100 -20.68 0.47 -5.22
N VAL A 101 -19.72 -0.25 -5.81
CA VAL A 101 -19.77 -1.72 -5.84
C VAL A 101 -19.16 -2.26 -4.52
N ASN A 102 -19.92 -3.06 -3.74
CA ASN A 102 -19.43 -3.69 -2.51
C ASN A 102 -18.74 -5.00 -2.90
N MET A 103 -17.45 -4.88 -3.28
CA MET A 103 -16.62 -5.97 -3.80
C MET A 103 -16.59 -7.24 -2.96
N ALA A 104 -16.55 -7.11 -1.62
CA ALA A 104 -16.57 -8.26 -0.68
C ALA A 104 -17.70 -9.26 -0.95
N SER A 105 -18.85 -8.79 -1.52
CA SER A 105 -20.02 -9.61 -1.84
C SER A 105 -19.76 -10.74 -2.86
N LEU A 106 -18.66 -10.64 -3.64
CA LEU A 106 -18.24 -11.67 -4.61
C LEU A 106 -17.71 -12.91 -3.90
N GLY A 107 -17.20 -12.75 -2.68
CA GLY A 107 -16.64 -13.84 -1.90
C GLY A 107 -17.57 -14.47 -0.88
N ASP A 108 -18.85 -14.07 -0.86
CA ASP A 108 -19.88 -14.56 0.06
C ASP A 108 -20.20 -16.05 -0.05
N ALA A 109 -20.58 -16.52 -1.25
CA ALA A 109 -21.00 -17.90 -1.57
C ALA A 109 -20.20 -19.04 -0.94
N ALA A 110 -18.84 -18.91 -0.87
CA ALA A 110 -17.87 -19.90 -0.38
C ALA A 110 -17.73 -21.13 -1.30
N ALA A 111 -18.51 -21.16 -2.41
CA ALA A 111 -18.52 -22.19 -3.45
C ALA A 111 -19.02 -21.53 -4.76
N PRO A 112 -18.18 -21.45 -5.82
CA PRO A 112 -16.79 -21.94 -5.94
C PRO A 112 -15.76 -21.07 -5.21
N PRO A 113 -14.57 -21.63 -4.85
CA PRO A 113 -13.57 -20.81 -4.13
C PRO A 113 -13.06 -19.60 -4.91
N ARG A 114 -12.72 -18.53 -4.17
CA ARG A 114 -12.23 -17.30 -4.79
C ARG A 114 -10.70 -17.19 -4.75
N ILE A 115 -10.02 -18.13 -4.06
CA ILE A 115 -8.56 -18.23 -3.98
C ILE A 115 -8.16 -19.66 -4.35
N ASN A 116 -7.41 -19.84 -5.45
CA ASN A 116 -6.95 -21.16 -5.90
C ASN A 116 -5.45 -21.19 -6.20
N VAL A 117 -4.68 -21.92 -5.36
CA VAL A 117 -3.23 -22.12 -5.59
C VAL A 117 -3.10 -23.11 -6.75
N SER A 118 -2.26 -22.78 -7.75
CA SER A 118 -2.01 -23.64 -8.91
C SER A 118 -1.53 -25.03 -8.50
N ALA A 119 -1.80 -26.03 -9.38
CA ALA A 119 -1.40 -27.43 -9.19
C ALA A 119 0.12 -27.58 -9.03
N ASP A 120 0.90 -26.74 -9.75
CA ASP A 120 2.37 -26.74 -9.74
C ASP A 120 2.99 -25.91 -8.59
N GLY A 121 2.16 -25.13 -7.89
CA GLY A 121 2.55 -24.30 -6.77
C GLY A 121 3.40 -23.09 -7.14
N ARG A 122 3.28 -22.61 -8.40
CA ARG A 122 4.02 -21.47 -8.96
C ARG A 122 3.28 -20.14 -8.89
N TYR A 123 1.96 -20.19 -8.62
CA TYR A 123 1.13 -18.99 -8.53
C TYR A 123 -0.16 -19.21 -7.73
N VAL A 124 -0.84 -18.11 -7.39
CA VAL A 124 -2.11 -18.16 -6.68
C VAL A 124 -3.15 -17.29 -7.41
N ASP A 125 -4.31 -17.88 -7.72
CA ASP A 125 -5.40 -17.13 -8.34
C ASP A 125 -6.27 -16.61 -7.22
N ALA A 126 -6.51 -15.29 -7.21
CA ALA A 126 -7.33 -14.68 -6.16
C ALA A 126 -8.32 -13.68 -6.75
N GLY A 127 -9.55 -13.69 -6.24
CA GLY A 127 -10.56 -12.72 -6.67
C GLY A 127 -10.10 -11.32 -6.27
N GLY A 128 -10.39 -10.31 -7.08
CA GLY A 128 -10.01 -8.91 -6.83
C GLY A 128 -10.45 -8.36 -5.49
N GLU A 129 -11.57 -8.89 -4.95
CA GLU A 129 -12.15 -8.49 -3.68
C GLU A 129 -11.48 -9.13 -2.48
N GLN A 130 -10.74 -10.23 -2.68
CA GLN A 130 -10.10 -10.97 -1.60
C GLN A 130 -9.06 -10.15 -0.84
N VAL A 131 -9.00 -10.34 0.50
CA VAL A 131 -8.04 -9.65 1.36
C VAL A 131 -6.77 -10.47 1.45
N TRP A 132 -5.62 -9.80 1.46
CA TRP A 132 -4.30 -10.44 1.49
C TRP A 132 -4.08 -11.45 2.60
N ILE A 133 -4.70 -11.24 3.80
CA ILE A 133 -4.62 -12.17 4.93
C ILE A 133 -5.20 -13.57 4.55
N ASP A 134 -6.28 -13.57 3.74
CA ASP A 134 -6.91 -14.80 3.26
C ASP A 134 -6.11 -15.44 2.14
N VAL A 135 -5.50 -14.61 1.29
CA VAL A 135 -4.63 -15.05 0.19
C VAL A 135 -3.43 -15.76 0.85
N LEU A 136 -2.92 -15.22 1.99
CA LEU A 136 -1.81 -15.78 2.75
C LEU A 136 -2.18 -17.12 3.37
N ARG A 137 -3.37 -17.22 4.02
CA ARG A 137 -3.84 -18.45 4.66
C ARG A 137 -4.00 -19.61 3.67
N ALA A 138 -4.59 -19.34 2.48
CA ALA A 138 -4.83 -20.31 1.40
C ALA A 138 -3.53 -20.77 0.71
N SER A 139 -2.55 -19.86 0.62
CA SER A 139 -1.26 -20.13 0.04
C SER A 139 -0.46 -21.04 0.99
N LEU A 140 -0.36 -20.67 2.30
CA LEU A 140 0.34 -21.40 3.35
C LEU A 140 -0.16 -22.84 3.52
N ALA A 141 -1.48 -23.07 3.33
CA ALA A 141 -2.11 -24.39 3.41
C ALA A 141 -1.53 -25.33 2.31
N ARG A 142 -0.94 -24.74 1.25
CA ARG A 142 -0.30 -25.41 0.10
C ARG A 142 1.24 -25.24 0.12
N GLY A 143 1.77 -24.78 1.26
CA GLY A 143 3.20 -24.56 1.48
C GLY A 143 3.88 -23.49 0.64
N VAL A 144 3.10 -22.53 0.11
CA VAL A 144 3.61 -21.42 -0.71
C VAL A 144 3.11 -20.07 -0.13
N ALA A 145 3.65 -18.95 -0.65
CA ALA A 145 3.20 -17.63 -0.21
C ALA A 145 3.61 -16.57 -1.19
N PRO A 146 2.77 -15.51 -1.43
CA PRO A 146 3.23 -14.40 -2.28
C PRO A 146 4.59 -13.85 -1.85
N ARG A 147 5.35 -13.26 -2.78
CA ARG A 147 6.71 -12.76 -2.54
C ARG A 147 6.76 -11.31 -2.04
N SER A 148 5.84 -10.44 -2.56
CA SER A 148 5.76 -9.01 -2.28
C SER A 148 4.45 -8.69 -1.56
N TRP A 149 4.54 -7.97 -0.43
CA TRP A 149 3.43 -7.65 0.47
C TRP A 149 3.18 -6.15 0.68
N THR A 150 2.24 -5.85 1.60
CA THR A 150 1.93 -4.53 2.16
C THR A 150 2.17 -4.76 3.65
N ASP A 151 2.37 -3.68 4.42
CA ASP A 151 2.56 -3.77 5.87
C ASP A 151 1.35 -4.32 6.62
N TYR A 152 0.15 -3.99 6.11
CA TYR A 152 -1.19 -4.34 6.61
C TYR A 152 -1.88 -5.24 5.60
N LEU A 153 -2.32 -6.43 6.04
CA LEU A 153 -2.90 -7.49 5.22
C LEU A 153 -4.42 -7.41 4.95
N TYR A 154 -5.15 -6.53 5.67
CA TYR A 154 -6.60 -6.40 5.53
C TYR A 154 -7.01 -5.36 4.48
N LEU A 155 -6.41 -5.52 3.29
CA LEU A 155 -6.60 -4.73 2.08
C LEU A 155 -6.92 -5.71 0.97
N THR A 156 -7.60 -5.25 -0.08
CA THR A 156 -7.92 -6.15 -1.19
C THR A 156 -6.80 -6.25 -2.22
N VAL A 157 -6.79 -7.38 -2.95
CA VAL A 157 -5.85 -7.65 -4.04
C VAL A 157 -6.06 -6.56 -5.09
N GLY A 158 -7.33 -6.30 -5.44
CA GLY A 158 -7.73 -5.30 -6.42
C GLY A 158 -7.34 -3.89 -6.03
N GLY A 159 -7.55 -3.53 -4.76
CA GLY A 159 -7.20 -2.23 -4.20
C GLY A 159 -5.70 -1.95 -4.19
N THR A 160 -4.89 -2.88 -3.65
CA THR A 160 -3.42 -2.74 -3.60
C THR A 160 -2.80 -2.74 -5.00
N LEU A 161 -3.37 -3.52 -5.95
CA LEU A 161 -2.87 -3.53 -7.34
C LEU A 161 -3.22 -2.28 -8.14
N SER A 162 -4.29 -1.54 -7.75
CA SER A 162 -4.67 -0.29 -8.40
C SER A 162 -3.77 0.90 -7.96
N ASN A 163 -2.92 0.67 -6.94
CA ASN A 163 -1.99 1.66 -6.39
C ASN A 163 -0.52 1.30 -6.71
N ALA A 164 0.00 0.22 -6.07
CA ALA A 164 1.32 -0.39 -6.27
C ALA A 164 1.48 -1.63 -5.36
N GLY A 165 1.30 -1.43 -4.06
CA GLY A 165 1.46 -2.48 -3.06
C GLY A 165 2.91 -2.57 -2.65
N ILE A 166 3.30 -1.85 -1.59
CA ILE A 166 4.70 -1.80 -1.13
C ILE A 166 4.89 -2.22 0.34
N SER A 167 6.07 -2.78 0.63
CA SER A 167 6.52 -3.19 1.98
C SER A 167 8.04 -3.41 1.87
N GLY A 168 8.66 -4.02 2.88
CA GLY A 168 10.09 -4.26 2.93
C GLY A 168 10.67 -5.26 1.94
N GLN A 169 9.83 -5.98 1.15
CA GLN A 169 10.26 -6.96 0.13
C GLN A 169 10.42 -6.33 -1.27
N ALA A 170 9.76 -5.18 -1.49
CA ALA A 170 9.72 -4.47 -2.74
C ALA A 170 11.09 -4.12 -3.35
N PHE A 171 12.13 -3.92 -2.52
CA PHE A 171 13.48 -3.64 -3.03
C PHE A 171 13.99 -4.81 -3.90
N ARG A 172 13.67 -6.07 -3.51
CA ARG A 172 14.16 -7.25 -4.20
C ARG A 172 13.17 -7.89 -5.18
N HIS A 173 11.86 -7.87 -4.85
CA HIS A 173 10.83 -8.48 -5.69
C HIS A 173 10.00 -7.46 -6.47
N GLY A 174 10.21 -6.19 -6.19
CA GLY A 174 9.41 -5.14 -6.78
C GLY A 174 8.09 -5.03 -6.03
N PRO A 175 7.29 -3.99 -6.30
CA PRO A 175 5.97 -3.89 -5.62
C PRO A 175 5.05 -5.03 -6.08
N GLN A 176 3.84 -5.09 -5.51
CA GLN A 176 2.87 -6.13 -5.85
C GLN A 176 2.46 -6.10 -7.32
N ILE A 177 2.46 -4.89 -7.93
CA ILE A 177 2.16 -4.75 -9.37
C ILE A 177 3.21 -5.45 -10.27
N SER A 178 4.45 -5.68 -9.76
CA SER A 178 5.51 -6.36 -10.51
C SER A 178 5.46 -7.89 -10.33
N ASN A 179 4.50 -8.39 -9.50
CA ASN A 179 4.32 -9.81 -9.18
C ASN A 179 2.96 -10.41 -9.61
N VAL A 180 2.42 -9.91 -10.74
CA VAL A 180 1.14 -10.37 -11.32
C VAL A 180 1.42 -10.98 -12.68
N LEU A 181 0.98 -12.24 -12.88
CA LEU A 181 1.15 -12.95 -14.15
C LEU A 181 0.08 -12.51 -15.14
N GLU A 182 -1.16 -12.46 -14.66
CA GLU A 182 -2.31 -12.10 -15.46
C GLU A 182 -3.51 -11.70 -14.62
N MET A 183 -4.49 -11.04 -15.24
CA MET A 183 -5.73 -10.64 -14.59
C MET A 183 -6.96 -10.83 -15.50
N ASP A 184 -8.15 -10.81 -14.86
CA ASP A 184 -9.47 -10.74 -15.46
C ASP A 184 -9.96 -9.37 -15.08
N VAL A 185 -10.33 -8.56 -16.06
CA VAL A 185 -10.78 -7.17 -15.89
C VAL A 185 -12.06 -6.93 -16.71
N ILE A 186 -13.09 -6.33 -16.09
CA ILE A 186 -14.29 -5.90 -16.80
C ILE A 186 -14.07 -4.40 -17.07
N THR A 187 -13.95 -4.01 -18.33
CA THR A 187 -13.69 -2.63 -18.72
C THR A 187 -14.96 -1.74 -18.51
N GLY A 188 -14.83 -0.43 -18.74
CA GLY A 188 -15.94 0.52 -18.64
C GLY A 188 -17.01 0.27 -19.70
N HIS A 189 -16.66 -0.56 -20.71
CA HIS A 189 -17.52 -1.03 -21.81
C HIS A 189 -18.36 -2.24 -21.34
N GLY A 190 -18.00 -2.78 -20.17
CA GLY A 190 -18.67 -3.93 -19.56
C GLY A 190 -18.23 -5.25 -20.15
N GLU A 191 -17.05 -5.26 -20.80
CA GLU A 191 -16.48 -6.44 -21.43
C GLU A 191 -15.52 -7.13 -20.49
N MET A 192 -15.69 -8.44 -20.28
CA MET A 192 -14.79 -9.25 -19.46
C MET A 192 -13.56 -9.56 -20.33
N VAL A 193 -12.38 -9.12 -19.88
CA VAL A 193 -11.13 -9.27 -20.62
C VAL A 193 -10.05 -9.91 -19.75
N THR A 194 -9.40 -10.97 -20.25
CA THR A 194 -8.26 -11.62 -19.61
C THR A 194 -7.02 -10.91 -20.16
N CYS A 195 -6.09 -10.49 -19.26
CA CYS A 195 -4.89 -9.77 -19.71
C CYS A 195 -3.60 -10.13 -18.98
N SER A 196 -2.46 -9.98 -19.67
CA SER A 196 -1.08 -10.24 -19.25
C SER A 196 -0.15 -9.46 -20.19
N LYS A 197 1.18 -9.64 -20.08
CA LYS A 197 2.18 -9.00 -20.96
C LYS A 197 2.07 -9.51 -22.41
N GLN A 198 1.56 -10.74 -22.59
CA GLN A 198 1.41 -11.38 -23.90
C GLN A 198 0.03 -11.10 -24.52
N LEU A 199 -1.04 -11.12 -23.70
CA LEU A 199 -2.42 -10.89 -24.16
C LEU A 199 -3.03 -9.64 -23.53
N ASN A 200 -3.45 -8.68 -24.37
CA ASN A 200 -4.06 -7.41 -23.96
C ASN A 200 -3.16 -6.69 -22.93
N ALA A 201 -1.86 -6.60 -23.26
CA ALA A 201 -0.79 -6.00 -22.47
C ALA A 201 -1.06 -4.55 -22.11
N ASP A 202 -1.74 -3.81 -23.01
CA ASP A 202 -2.08 -2.41 -22.84
C ASP A 202 -3.00 -2.23 -21.62
N LEU A 203 -4.03 -3.09 -21.49
CA LEU A 203 -4.99 -3.10 -20.39
C LEU A 203 -4.29 -3.53 -19.12
N PHE A 204 -3.46 -4.60 -19.19
CA PHE A 204 -2.69 -5.15 -18.07
C PHE A 204 -1.84 -4.03 -17.44
N ASP A 205 -1.05 -3.31 -18.27
CA ASP A 205 -0.17 -2.22 -17.82
C ASP A 205 -0.92 -1.01 -17.30
N ALA A 206 -2.05 -0.65 -17.95
CA ALA A 206 -2.87 0.51 -17.58
C ALA A 206 -3.52 0.28 -16.23
N VAL A 207 -4.04 -0.93 -16.01
CA VAL A 207 -4.73 -1.34 -14.78
C VAL A 207 -3.79 -1.40 -13.53
N LEU A 208 -2.54 -1.86 -13.71
CA LEU A 208 -1.59 -1.93 -12.60
C LEU A 208 -1.04 -0.55 -12.26
N GLY A 209 -1.43 -0.07 -11.08
CA GLY A 209 -1.14 1.26 -10.58
C GLY A 209 -2.15 2.24 -11.16
N GLY A 210 -3.19 1.68 -11.77
CA GLY A 210 -4.23 2.38 -12.53
C GLY A 210 -5.32 3.13 -11.82
N LEU A 211 -5.36 3.06 -10.47
CA LEU A 211 -6.29 3.80 -9.60
C LEU A 211 -7.80 3.59 -9.91
N GLY A 212 -8.14 2.35 -10.31
CA GLY A 212 -9.50 1.93 -10.66
C GLY A 212 -10.17 2.69 -11.79
N GLN A 213 -9.38 3.25 -12.73
CA GLN A 213 -9.86 4.09 -13.84
C GLN A 213 -10.29 3.37 -15.11
N PHE A 214 -9.80 2.15 -15.33
CA PHE A 214 -9.98 1.41 -16.59
C PHE A 214 -10.90 0.23 -16.53
N GLY A 215 -11.22 -0.19 -15.31
CA GLY A 215 -12.07 -1.34 -15.10
C GLY A 215 -11.83 -1.97 -13.76
N VAL A 216 -12.67 -2.97 -13.43
CA VAL A 216 -12.61 -3.71 -12.18
C VAL A 216 -11.85 -5.02 -12.38
N ILE A 217 -10.86 -5.29 -11.50
CA ILE A 217 -10.07 -6.52 -11.48
C ILE A 217 -10.93 -7.54 -10.73
N THR A 218 -11.29 -8.64 -11.41
CA THR A 218 -12.11 -9.69 -10.77
C THR A 218 -11.28 -10.86 -10.35
N ARG A 219 -10.09 -10.99 -10.95
CA ARG A 219 -9.13 -12.04 -10.65
C ARG A 219 -7.73 -11.52 -10.97
N ALA A 220 -6.77 -11.88 -10.11
CA ALA A 220 -5.36 -11.57 -10.30
C ALA A 220 -4.56 -12.84 -9.99
N ARG A 221 -3.64 -13.19 -10.89
CA ARG A 221 -2.77 -14.36 -10.75
C ARG A 221 -1.47 -13.84 -10.19
N ILE A 222 -1.21 -14.18 -8.93
CA ILE A 222 -0.10 -13.68 -8.14
C ILE A 222 1.04 -14.69 -8.08
N ALA A 223 2.28 -14.22 -8.35
CA ALA A 223 3.47 -15.06 -8.24
C ALA A 223 3.66 -15.49 -6.77
N VAL A 224 4.10 -16.74 -6.56
CA VAL A 224 4.35 -17.23 -5.20
C VAL A 224 5.77 -17.80 -5.07
N GLU A 225 6.17 -18.11 -3.85
CA GLU A 225 7.47 -18.74 -3.59
C GLU A 225 7.24 -19.79 -2.51
N PRO A 226 8.13 -20.82 -2.35
CA PRO A 226 7.94 -21.77 -1.25
C PRO A 226 7.89 -21.00 0.07
N ALA A 227 6.95 -21.36 0.95
CA ALA A 227 6.77 -20.66 2.20
C ALA A 227 7.87 -20.86 3.23
N PRO A 228 8.54 -19.77 3.69
CA PRO A 228 9.46 -19.92 4.81
C PRO A 228 8.62 -20.16 6.10
N ALA A 229 9.19 -20.85 7.10
CA ALA A 229 8.48 -21.17 8.33
C ALA A 229 8.63 -20.10 9.40
N ARG A 230 9.82 -19.50 9.49
CA ARG A 230 10.13 -18.46 10.46
C ARG A 230 10.79 -17.23 9.85
N ALA A 231 10.77 -16.12 10.61
CA ALA A 231 11.43 -14.89 10.21
C ALA A 231 12.29 -14.39 11.36
N ARG A 232 13.63 -14.32 11.15
CA ARG A 232 14.55 -13.73 12.12
C ARG A 232 14.43 -12.23 11.85
N TRP A 233 13.92 -11.51 12.85
CA TRP A 233 13.51 -10.12 12.82
C TRP A 233 14.41 -9.24 13.68
N VAL A 234 15.12 -8.30 13.04
CA VAL A 234 16.09 -7.44 13.70
C VAL A 234 15.79 -5.96 13.62
N ARG A 235 16.19 -5.21 14.66
CA ARG A 235 16.14 -3.77 14.73
C ARG A 235 17.54 -3.26 15.07
N LEU A 236 18.06 -2.32 14.27
CA LEU A 236 19.40 -1.70 14.41
C LEU A 236 19.18 -0.21 14.67
N VAL A 237 19.86 0.36 15.68
CA VAL A 237 19.68 1.76 16.09
C VAL A 237 20.85 2.66 15.69
N TYR A 238 20.50 3.85 15.09
CA TYR A 238 21.40 4.92 14.61
C TYR A 238 21.00 6.28 15.20
N THR A 239 21.99 7.17 15.37
CA THR A 239 21.82 8.55 15.80
C THR A 239 22.20 9.44 14.60
N ASP A 240 22.85 8.84 13.59
CA ASP A 240 23.35 9.49 12.38
C ASP A 240 22.53 9.05 11.18
N PHE A 241 21.83 9.99 10.55
CA PHE A 241 21.04 9.70 9.36
C PHE A 241 21.90 9.19 8.22
N ALA A 242 23.12 9.79 7.98
CA ALA A 242 24.02 9.39 6.89
C ALA A 242 24.37 7.90 7.00
N ALA A 243 24.68 7.42 8.22
CA ALA A 243 24.98 6.00 8.50
C ALA A 243 23.73 5.12 8.36
N PHE A 244 22.56 5.65 8.77
CA PHE A 244 21.29 4.93 8.66
C PHE A 244 20.94 4.66 7.19
N SER A 245 20.94 5.72 6.34
CA SER A 245 20.62 5.66 4.91
C SER A 245 21.64 4.88 4.09
N ALA A 246 22.96 4.98 4.44
CA ALA A 246 24.03 4.23 3.78
C ALA A 246 23.86 2.73 4.03
N ASP A 247 23.43 2.35 5.22
CA ASP A 247 23.22 0.94 5.58
C ASP A 247 21.97 0.34 4.95
N GLN A 248 20.87 1.11 4.87
CA GLN A 248 19.64 0.67 4.19
C GLN A 248 19.94 0.43 2.69
N GLU A 249 20.73 1.31 2.06
CA GLU A 249 21.12 1.18 0.64
C GLU A 249 22.06 0.00 0.45
N ARG A 250 22.95 -0.27 1.41
CA ARG A 250 23.87 -1.42 1.39
C ARG A 250 23.08 -2.74 1.54
N LEU A 251 22.07 -2.76 2.42
CA LEU A 251 21.26 -3.97 2.62
C LEU A 251 20.35 -4.27 1.42
N THR A 252 19.95 -3.23 0.67
CA THR A 252 19.03 -3.35 -0.48
C THR A 252 19.68 -3.23 -1.87
N ALA A 253 20.99 -2.95 -1.94
CA ALA A 253 21.68 -2.81 -3.23
C ALA A 253 21.78 -4.14 -3.97
N PRO A 254 21.66 -4.12 -5.32
CA PRO A 254 21.83 -5.39 -6.06
C PRO A 254 23.30 -5.80 -6.11
N ARG A 255 23.56 -7.11 -6.06
CA ARG A 255 24.90 -7.70 -6.10
C ARG A 255 25.42 -7.74 -7.55
N PRO A 256 26.72 -7.44 -7.80
CA PRO A 256 27.23 -7.47 -9.19
C PRO A 256 27.32 -8.89 -9.79
N ALA A 261 19.55 -7.31 -10.32
CA ALA A 261 19.18 -8.70 -10.64
C ALA A 261 19.29 -9.62 -9.41
N SER A 262 20.51 -9.75 -8.83
CA SER A 262 20.79 -10.54 -7.63
C SER A 262 20.86 -9.60 -6.41
N PHE A 263 20.17 -9.96 -5.33
CA PHE A 263 20.13 -9.13 -4.13
C PHE A 263 20.83 -9.79 -2.94
N GLY A 264 20.94 -9.07 -1.82
CA GLY A 264 21.59 -9.58 -0.62
C GLY A 264 20.77 -10.65 0.08
N PRO A 265 21.19 -11.08 1.29
CA PRO A 265 20.42 -12.12 2.01
C PRO A 265 19.09 -11.66 2.65
N MET A 266 18.95 -10.34 2.97
CA MET A 266 17.75 -9.82 3.64
C MET A 266 16.47 -10.00 2.82
N SER A 267 15.46 -10.56 3.47
CA SER A 267 14.13 -10.84 2.94
C SER A 267 13.21 -9.62 3.00
N TYR A 268 13.52 -8.68 3.92
CA TYR A 268 12.75 -7.48 4.21
C TYR A 268 13.66 -6.43 4.80
N VAL A 269 13.51 -5.18 4.35
CA VAL A 269 14.21 -4.02 4.87
C VAL A 269 13.27 -2.80 4.90
N GLU A 270 13.02 -2.30 6.11
CA GLU A 270 12.25 -1.08 6.35
C GLU A 270 13.05 -0.23 7.33
N GLY A 271 12.50 0.89 7.73
CA GLY A 271 13.19 1.77 8.64
C GLY A 271 12.21 2.70 9.29
N SER A 272 12.60 3.25 10.43
CA SER A 272 11.74 4.19 11.14
C SER A 272 12.49 5.38 11.72
N VAL A 273 11.78 6.51 11.81
CA VAL A 273 12.31 7.75 12.38
C VAL A 273 11.60 8.00 13.69
N PHE A 274 12.37 8.28 14.74
CA PHE A 274 11.85 8.62 16.07
C PHE A 274 12.28 10.02 16.46
N VAL A 275 11.31 10.92 16.72
CA VAL A 275 11.65 12.29 17.15
C VAL A 275 11.95 12.25 18.64
N ASN A 276 12.97 13.00 19.07
CA ASN A 276 13.42 13.02 20.48
C ASN A 276 12.33 13.27 21.53
N GLN A 277 11.39 14.20 21.26
CA GLN A 277 10.29 14.61 22.15
C GLN A 277 9.41 13.46 22.70
N SER A 278 9.10 12.47 21.86
CA SER A 278 8.26 11.32 22.22
C SER A 278 9.04 10.00 22.11
N LEU A 279 10.38 10.06 22.09
CA LEU A 279 11.28 8.92 21.95
C LEU A 279 10.94 7.69 22.79
N ALA A 280 10.95 7.83 24.13
CA ALA A 280 10.65 6.74 25.08
C ALA A 280 9.27 6.08 24.82
N THR A 281 8.23 6.90 24.55
CA THR A 281 6.86 6.46 24.26
C THR A 281 6.77 5.72 22.93
N ASP A 282 7.37 6.29 21.87
CA ASP A 282 7.35 5.70 20.52
C ASP A 282 8.11 4.40 20.41
N LEU A 283 9.26 4.26 21.15
CA LEU A 283 10.05 3.01 21.20
C LEU A 283 9.24 1.90 21.87
N ALA A 284 8.53 2.24 22.94
CA ALA A 284 7.69 1.32 23.69
C ALA A 284 6.51 0.88 22.85
N ASN A 285 5.93 1.82 22.07
CA ASN A 285 4.79 1.59 21.16
C ASN A 285 5.11 0.78 19.91
N THR A 286 6.40 0.48 19.63
CA THR A 286 6.75 -0.36 18.48
C THR A 286 6.24 -1.79 18.66
N GLY A 287 6.26 -2.28 19.89
CA GLY A 287 5.88 -3.65 20.23
C GLY A 287 7.09 -4.58 20.14
N PHE A 288 8.24 -4.04 19.66
CA PHE A 288 9.51 -4.74 19.43
C PHE A 288 10.44 -4.66 20.64
N PHE A 289 10.67 -3.43 21.17
CA PHE A 289 11.58 -3.17 22.28
C PHE A 289 11.00 -3.44 23.66
N THR A 290 11.86 -3.95 24.58
CA THR A 290 11.57 -4.17 26.00
C THR A 290 11.90 -2.85 26.70
N ASP A 291 11.47 -2.68 27.96
CA ASP A 291 11.75 -1.46 28.74
C ASP A 291 13.24 -1.22 28.99
N ALA A 292 14.04 -2.28 28.96
CA ALA A 292 15.50 -2.25 29.07
C ALA A 292 16.08 -1.72 27.73
N ASP A 293 15.52 -2.16 26.57
CA ASP A 293 15.95 -1.70 25.25
C ASP A 293 15.67 -0.19 25.12
N VAL A 294 14.45 0.25 25.52
CA VAL A 294 14.00 1.65 25.51
C VAL A 294 14.96 2.56 26.32
N ALA A 295 15.24 2.21 27.60
CA ALA A 295 16.13 3.01 28.48
C ALA A 295 17.52 3.17 27.87
N ARG A 296 18.06 2.12 27.22
CA ARG A 296 19.38 2.13 26.58
C ARG A 296 19.43 3.11 25.42
N ILE A 297 18.39 3.09 24.54
CA ILE A 297 18.26 3.95 23.36
C ILE A 297 18.04 5.41 23.80
N VAL A 298 17.18 5.64 24.82
CA VAL A 298 16.93 6.97 25.43
C VAL A 298 18.27 7.57 25.99
N ALA A 299 19.09 6.74 26.67
CA ALA A 299 20.40 7.15 27.21
C ALA A 299 21.36 7.44 26.04
N LEU A 300 21.36 6.59 24.99
CA LEU A 300 22.17 6.79 23.78
C LEU A 300 21.89 8.14 23.10
N ALA A 301 20.59 8.46 22.85
CA ALA A 301 20.16 9.72 22.20
C ALA A 301 20.64 10.94 22.99
N GLY A 302 20.53 10.86 24.33
CA GLY A 302 20.97 11.91 25.26
C GLY A 302 22.47 12.11 25.27
N GLU A 303 23.25 11.00 25.12
CA GLU A 303 24.72 11.05 25.05
C GLU A 303 25.12 11.72 23.77
N ARG A 304 24.48 11.32 22.65
CA ARG A 304 24.76 11.84 21.33
C ARG A 304 24.14 13.21 21.07
N ASN A 305 23.24 13.68 21.97
CA ASN A 305 22.50 14.95 21.90
C ASN A 305 21.63 14.98 20.60
N ALA A 306 21.02 13.83 20.28
CA ALA A 306 20.23 13.63 19.10
C ALA A 306 18.79 14.17 19.16
N THR A 307 18.37 14.91 18.13
CA THR A 307 16.98 15.40 18.03
C THR A 307 16.11 14.34 17.31
N THR A 308 16.78 13.38 16.66
CA THR A 308 16.16 12.28 15.94
C THR A 308 16.95 10.99 16.17
N VAL A 309 16.26 9.84 16.22
CA VAL A 309 16.84 8.50 16.35
C VAL A 309 16.29 7.69 15.15
N TYR A 310 17.14 6.86 14.53
CA TYR A 310 16.73 6.06 13.37
C TYR A 310 16.87 4.57 13.66
N SER A 311 16.00 3.79 13.04
CA SER A 311 16.06 2.35 13.23
C SER A 311 15.81 1.58 11.94
N ILE A 312 16.77 0.70 11.58
CA ILE A 312 16.59 -0.23 10.47
C ILE A 312 15.80 -1.41 11.03
N GLU A 313 14.79 -1.87 10.30
CA GLU A 313 13.99 -3.04 10.63
C GLU A 313 14.21 -4.02 9.49
N ALA A 314 14.75 -5.21 9.79
CA ALA A 314 15.06 -6.19 8.77
C ALA A 314 14.74 -7.61 9.11
N THR A 315 14.43 -8.43 8.09
CA THR A 315 14.20 -9.86 8.32
C THR A 315 15.04 -10.78 7.43
N LEU A 316 15.23 -11.98 7.96
CA LEU A 316 15.87 -13.09 7.28
C LEU A 316 14.90 -14.27 7.46
N ASN A 317 14.18 -14.61 6.38
CA ASN A 317 13.22 -15.69 6.30
C ASN A 317 13.94 -17.03 6.27
N TYR A 318 13.35 -18.04 6.89
CA TYR A 318 13.94 -19.38 6.90
C TYR A 318 12.93 -20.49 7.18
N ASP A 319 13.28 -21.74 6.80
CA ASP A 319 12.38 -22.89 6.97
C ASP A 319 12.56 -23.74 8.23
N ASN A 320 11.73 -24.79 8.37
CA ASN A 320 11.72 -25.70 9.52
C ASN A 320 12.87 -26.71 9.55
N ALA A 321 13.94 -26.48 8.76
CA ALA A 321 15.13 -27.36 8.72
C ALA A 321 15.83 -27.40 10.08
N THR A 322 16.55 -28.50 10.36
CA THR A 322 17.28 -28.68 11.62
C THR A 322 18.46 -27.72 11.74
N ALA A 323 19.20 -27.52 10.64
CA ALA A 323 20.36 -26.64 10.56
C ALA A 323 20.00 -25.18 10.34
N ALA A 324 18.72 -24.89 10.06
CA ALA A 324 18.18 -23.55 9.75
C ALA A 324 18.55 -22.42 10.71
N ALA A 325 18.14 -22.51 12.00
CA ALA A 325 18.40 -21.47 13.01
C ALA A 325 19.86 -21.06 13.11
N ALA A 326 20.79 -22.05 13.23
CA ALA A 326 22.22 -21.82 13.32
C ALA A 326 22.82 -21.21 12.06
N ALA A 327 22.26 -21.55 10.87
CA ALA A 327 22.69 -21.03 9.58
C ALA A 327 22.31 -19.54 9.43
N VAL A 328 21.13 -19.15 9.96
CA VAL A 328 20.61 -17.77 9.95
C VAL A 328 21.41 -16.93 10.96
N ASP A 329 21.77 -17.53 12.12
CA ASP A 329 22.60 -16.89 13.15
C ASP A 329 23.96 -16.48 12.54
N GLN A 330 24.58 -17.38 11.76
CA GLN A 330 25.85 -17.16 11.07
C GLN A 330 25.70 -16.16 9.94
N GLU A 331 24.63 -16.28 9.13
CA GLU A 331 24.34 -15.38 8.01
C GLU A 331 24.14 -13.94 8.50
N LEU A 332 23.30 -13.77 9.52
CA LEU A 332 23.00 -12.49 10.13
C LEU A 332 24.26 -11.88 10.75
N ALA A 333 25.09 -12.68 11.45
CA ALA A 333 26.34 -12.19 12.06
C ALA A 333 27.27 -11.58 11.02
N SER A 334 27.32 -12.18 9.81
CA SER A 334 28.12 -11.73 8.67
C SER A 334 27.56 -10.42 8.07
N VAL A 335 26.23 -10.34 7.97
CA VAL A 335 25.53 -9.17 7.46
C VAL A 335 25.75 -8.01 8.44
N LEU A 336 25.47 -8.22 9.73
CA LEU A 336 25.66 -7.21 10.78
C LEU A 336 27.08 -6.61 10.82
N GLY A 337 28.10 -7.46 10.63
CA GLY A 337 29.50 -7.04 10.60
C GLY A 337 29.86 -5.99 9.56
N THR A 338 29.12 -5.98 8.40
CA THR A 338 29.30 -5.04 7.26
C THR A 338 28.64 -3.66 7.50
N LEU A 339 27.87 -3.54 8.59
CA LEU A 339 27.07 -2.36 8.92
C LEU A 339 27.70 -1.42 9.94
N SER A 340 27.12 -0.22 10.10
CA SER A 340 27.63 0.84 10.96
C SER A 340 26.62 1.40 11.98
N TYR A 341 25.75 0.53 12.55
CA TYR A 341 24.81 0.92 13.62
C TYR A 341 25.62 1.11 14.92
N VAL A 342 25.02 1.78 15.93
CA VAL A 342 25.74 2.05 17.18
C VAL A 342 26.14 0.73 17.83
N GLU A 343 27.44 0.57 18.14
CA GLU A 343 27.99 -0.66 18.76
C GLU A 343 27.09 -1.17 19.93
N GLY A 344 26.65 -2.42 19.82
CA GLY A 344 25.77 -3.07 20.77
C GLY A 344 24.29 -2.77 20.61
N PHE A 345 23.90 -2.08 19.51
CA PHE A 345 22.49 -1.73 19.31
C PHE A 345 21.78 -2.58 18.24
N ALA A 346 22.01 -3.91 18.31
CA ALA A 346 21.34 -4.90 17.44
C ALA A 346 20.34 -5.63 18.33
N PHE A 347 19.05 -5.64 17.92
CA PHE A 347 17.98 -6.25 18.73
C PHE A 347 17.25 -7.31 17.89
N GLN A 348 17.11 -8.54 18.41
CA GLN A 348 16.53 -9.67 17.67
C GLN A 348 15.29 -10.25 18.30
N ARG A 349 14.41 -10.71 17.42
CA ARG A 349 13.17 -11.45 17.72
C ARG A 349 13.12 -12.58 16.68
N ASP A 350 12.46 -13.68 17.04
CA ASP A 350 12.31 -14.84 16.18
C ASP A 350 10.85 -15.29 16.23
N VAL A 351 10.14 -15.13 15.13
CA VAL A 351 8.70 -15.43 15.08
C VAL A 351 8.38 -16.35 13.91
N ALA A 352 7.17 -16.91 13.90
CA ALA A 352 6.65 -17.68 12.77
C ALA A 352 6.38 -16.60 11.69
N TYR A 353 6.59 -16.95 10.42
CA TYR A 353 6.44 -16.07 9.26
C TYR A 353 5.10 -15.31 9.17
N ALA A 354 3.97 -16.02 9.37
CA ALA A 354 2.64 -15.40 9.29
C ALA A 354 2.39 -14.36 10.38
N ALA A 355 3.00 -14.55 11.57
CA ALA A 355 2.90 -13.61 12.71
C ALA A 355 3.64 -12.29 12.38
N PHE A 356 4.80 -12.38 11.69
CA PHE A 356 5.52 -11.19 11.24
C PHE A 356 4.67 -10.55 10.10
N LEU A 357 4.16 -11.35 9.15
CA LEU A 357 3.37 -10.75 8.08
C LEU A 357 2.13 -10.01 8.56
N ASP A 358 1.44 -10.56 9.57
CA ASP A 358 0.21 -10.01 10.15
C ASP A 358 0.45 -9.18 11.45
N ARG A 359 1.70 -8.70 11.66
CA ARG A 359 2.14 -7.91 12.83
C ARG A 359 1.28 -6.63 13.04
N VAL A 360 0.87 -5.95 11.96
CA VAL A 360 0.11 -4.70 12.03
C VAL A 360 -1.33 -4.92 12.55
N HIS A 361 -1.90 -6.14 12.35
CA HIS A 361 -3.25 -6.46 12.82
C HIS A 361 -3.44 -6.32 14.32
N GLY A 362 -2.40 -6.64 15.10
CA GLY A 362 -2.37 -6.50 16.56
C GLY A 362 -2.46 -5.07 17.04
N GLU A 363 -1.86 -4.13 16.28
CA GLU A 363 -1.89 -2.69 16.58
C GLU A 363 -3.28 -2.10 16.27
N GLU A 364 -3.98 -2.66 15.26
CA GLU A 364 -5.33 -2.24 14.87
C GLU A 364 -6.32 -2.53 16.00
N VAL A 365 -6.25 -3.76 16.57
CA VAL A 365 -7.08 -4.21 17.69
C VAL A 365 -6.87 -3.30 18.93
N ALA A 366 -5.59 -2.99 19.26
CA ALA A 366 -5.19 -2.13 20.39
C ALA A 366 -5.63 -0.66 20.21
N LEU A 367 -5.46 -0.09 18.99
CA LEU A 367 -5.87 1.29 18.72
C LEU A 367 -7.40 1.45 18.68
N ASN A 368 -8.14 0.45 18.16
CA ASN A 368 -9.61 0.46 18.09
C ASN A 368 -10.28 0.44 19.48
N LYS A 369 -9.72 -0.34 20.44
CA LYS A 369 -10.24 -0.43 21.81
C LYS A 369 -10.05 0.88 22.59
N LEU A 370 -9.01 1.66 22.23
CA LEU A 370 -8.71 2.98 22.80
C LEU A 370 -9.44 4.11 22.03
N GLY A 371 -10.18 3.74 20.97
CA GLY A 371 -10.89 4.65 20.09
C GLY A 371 -9.97 5.51 19.24
N LEU A 372 -8.82 4.95 18.81
CA LEU A 372 -7.78 5.63 18.02
C LEU A 372 -7.55 5.03 16.61
N TRP A 373 -8.48 4.16 16.17
CA TRP A 373 -8.45 3.60 14.82
C TRP A 373 -9.43 4.38 13.96
N ARG A 374 -10.68 4.58 14.43
CA ARG A 374 -11.69 5.36 13.72
C ARG A 374 -11.61 6.85 14.12
N VAL A 375 -10.47 7.44 13.76
CA VAL A 375 -10.08 8.83 13.92
C VAL A 375 -9.55 9.28 12.57
N PRO A 376 -9.42 10.60 12.27
CA PRO A 376 -8.88 11.01 10.97
C PRO A 376 -7.42 10.57 10.75
N HIS A 377 -7.07 10.23 9.51
CA HIS A 377 -5.72 9.81 9.13
C HIS A 377 -5.13 10.71 8.03
N PRO A 378 -4.60 11.91 8.39
CA PRO A 378 -3.99 12.78 7.37
C PRO A 378 -2.57 12.31 7.05
N TRP A 379 -2.47 11.08 6.52
CA TRP A 379 -1.20 10.44 6.16
C TRP A 379 -0.53 11.14 5.00
N LEU A 380 0.79 11.21 5.03
CA LEU A 380 1.60 11.77 3.96
C LEU A 380 2.53 10.66 3.44
N ASN A 381 2.23 10.13 2.28
CA ASN A 381 3.01 9.07 1.63
C ASN A 381 3.63 9.59 0.35
N MET A 382 4.95 9.38 0.21
CA MET A 382 5.68 9.83 -0.95
C MET A 382 6.93 9.01 -1.28
N PHE A 383 7.38 9.15 -2.51
CA PHE A 383 8.62 8.55 -3.00
C PHE A 383 9.58 9.71 -3.19
N VAL A 384 10.70 9.69 -2.48
CA VAL A 384 11.68 10.79 -2.50
C VAL A 384 12.96 10.29 -3.17
N PRO A 385 13.49 10.96 -4.23
CA PRO A 385 14.75 10.46 -4.84
C PRO A 385 15.90 10.41 -3.84
N ARG A 386 16.73 9.34 -3.92
CA ARG A 386 17.87 9.05 -3.08
C ARG A 386 18.79 10.26 -2.85
N SER A 387 19.10 11.03 -3.90
CA SER A 387 20.00 12.19 -3.84
C SER A 387 19.49 13.34 -2.93
N ARG A 388 18.20 13.31 -2.56
CA ARG A 388 17.53 14.34 -1.78
C ARG A 388 16.98 13.89 -0.41
N ILE A 389 17.19 12.61 -0.04
CA ILE A 389 16.75 12.07 1.25
C ILE A 389 17.38 12.76 2.48
N ALA A 390 18.67 13.07 2.42
CA ALA A 390 19.37 13.78 3.49
C ALA A 390 18.83 15.20 3.64
N ASP A 391 18.44 15.88 2.52
CA ASP A 391 17.79 17.21 2.56
C ASP A 391 16.38 17.06 3.13
N PHE A 392 15.68 15.98 2.74
CA PHE A 392 14.35 15.69 3.29
C PHE A 392 14.44 15.49 4.79
N ASP A 393 15.40 14.69 5.26
CA ASP A 393 15.62 14.44 6.71
C ASP A 393 15.88 15.76 7.51
N ARG A 394 16.73 16.64 6.99
CA ARG A 394 17.06 17.94 7.60
C ARG A 394 15.88 18.87 7.68
N GLY A 395 15.13 18.98 6.57
CA GLY A 395 14.01 19.89 6.51
C GLY A 395 12.76 19.41 7.21
N VAL A 396 12.54 18.07 7.24
CA VAL A 396 11.34 17.44 7.81
C VAL A 396 11.52 16.84 9.21
N PHE A 397 12.34 15.79 9.37
CA PHE A 397 12.57 15.09 10.65
C PHE A 397 13.33 15.94 11.64
N LYS A 398 14.34 16.67 11.13
CA LYS A 398 15.14 17.58 11.95
C LYS A 398 14.61 19.01 11.92
N GLY A 399 13.59 19.27 11.08
CA GLY A 399 13.01 20.61 10.92
C GLY A 399 11.55 20.73 11.31
N ILE A 400 10.66 20.70 10.29
CA ILE A 400 9.20 20.86 10.41
C ILE A 400 8.58 20.06 11.57
N LEU A 401 8.93 18.76 11.70
CA LEU A 401 8.35 17.88 12.70
C LEU A 401 8.81 18.12 14.14
N GLN A 402 9.96 18.78 14.31
CA GLN A 402 10.53 19.07 15.65
C GLN A 402 9.62 19.95 16.52
N GLY A 403 9.52 19.60 17.80
CA GLY A 403 8.69 20.32 18.76
C GLY A 403 7.22 19.91 18.77
N THR A 404 6.76 19.14 17.75
CA THR A 404 5.37 18.68 17.66
C THR A 404 5.16 17.35 18.36
N ASP A 405 3.89 17.06 18.73
CA ASP A 405 3.50 15.80 19.32
C ASP A 405 3.06 14.88 18.19
N ILE A 406 3.87 13.85 17.94
CA ILE A 406 3.64 12.89 16.85
C ILE A 406 2.96 11.65 17.34
N VAL A 407 1.83 11.31 16.70
CA VAL A 407 1.07 10.09 16.97
C VAL A 407 1.02 9.33 15.63
N GLY A 408 1.63 8.15 15.60
CA GLY A 408 1.75 7.31 14.42
C GLY A 408 3.19 7.11 13.98
N PRO A 409 3.48 6.02 13.22
CA PRO A 409 4.86 5.80 12.79
C PRO A 409 5.37 6.70 11.66
N LEU A 410 6.69 6.87 11.61
CA LEU A 410 7.36 7.62 10.54
C LEU A 410 8.26 6.59 9.84
N ILE A 411 7.83 6.09 8.65
CA ILE A 411 8.51 5.01 7.93
C ILE A 411 9.34 5.52 6.73
N VAL A 412 10.62 5.08 6.64
CA VAL A 412 11.55 5.50 5.60
C VAL A 412 12.35 4.28 5.20
N TYR A 413 12.31 3.95 3.91
CA TYR A 413 13.09 2.83 3.36
C TYR A 413 13.31 2.98 1.86
N PRO A 414 14.50 2.55 1.39
CA PRO A 414 14.81 2.67 -0.04
C PRO A 414 14.18 1.59 -0.90
N LEU A 415 13.95 1.91 -2.20
CA LEU A 415 13.40 1.01 -3.21
C LEU A 415 14.29 1.05 -4.45
N ASN A 416 14.35 -0.07 -5.22
CA ASN A 416 15.15 -0.12 -6.45
C ASN A 416 14.24 0.05 -7.64
N LYS A 417 14.49 1.06 -8.47
CA LYS A 417 13.68 1.39 -9.65
C LYS A 417 13.67 0.26 -10.68
N SER A 418 14.76 -0.54 -10.75
CA SER A 418 14.89 -1.68 -11.67
C SER A 418 13.78 -2.72 -11.50
N MET A 419 13.19 -2.79 -10.27
CA MET A 419 12.14 -3.74 -9.89
C MET A 419 10.72 -3.21 -10.15
N TRP A 420 10.62 -1.98 -10.71
CA TRP A 420 9.39 -1.27 -11.10
C TRP A 420 9.28 -1.20 -12.62
N ASP A 421 8.08 -1.46 -13.17
CA ASP A 421 7.83 -1.41 -14.62
C ASP A 421 7.27 -0.01 -14.96
N ASP A 422 8.07 0.82 -15.65
CA ASP A 422 7.63 2.16 -16.00
C ASP A 422 6.50 2.25 -17.04
N GLY A 423 6.21 1.15 -17.71
CA GLY A 423 5.09 1.04 -18.65
C GLY A 423 3.77 0.89 -17.92
N MET A 424 3.82 0.46 -16.63
CA MET A 424 2.61 0.39 -15.79
C MET A 424 2.17 1.79 -15.37
N SER A 425 0.93 1.95 -14.88
CA SER A 425 0.40 3.28 -14.54
C SER A 425 1.08 3.94 -13.34
N ALA A 426 1.57 3.15 -12.37
CA ALA A 426 2.22 3.71 -11.18
C ALA A 426 3.40 4.62 -11.51
N ALA A 427 3.42 5.81 -10.87
CA ALA A 427 4.45 6.82 -11.09
C ALA A 427 5.51 6.78 -9.97
N THR A 428 6.79 6.74 -10.38
CA THR A 428 7.93 6.73 -9.44
C THR A 428 8.96 7.79 -9.83
N PRO A 429 9.85 8.25 -8.90
CA PRO A 429 10.91 9.20 -9.29
C PRO A 429 11.88 8.56 -10.31
N SER A 430 12.55 9.39 -11.12
CA SER A 430 13.47 8.97 -12.18
C SER A 430 14.81 8.34 -11.73
N GLU A 431 15.20 8.50 -10.45
CA GLU A 431 16.46 7.96 -9.93
C GLU A 431 16.37 6.44 -9.72
N ASP A 432 17.52 5.74 -9.73
CA ASP A 432 17.57 4.27 -9.57
C ASP A 432 17.17 3.79 -8.18
N VAL A 433 17.46 4.60 -7.18
CA VAL A 433 17.14 4.37 -5.77
C VAL A 433 16.25 5.53 -5.35
N PHE A 434 15.15 5.21 -4.67
CA PHE A 434 14.22 6.21 -4.16
C PHE A 434 13.61 5.69 -2.86
N TYR A 435 13.22 6.60 -1.99
CA TYR A 435 12.70 6.21 -0.70
C TYR A 435 11.21 6.26 -0.60
N ALA A 436 10.61 5.24 0.07
CA ALA A 436 9.20 5.25 0.44
C ALA A 436 9.23 6.03 1.74
N VAL A 437 8.49 7.14 1.77
CA VAL A 437 8.44 7.99 2.96
C VAL A 437 6.95 8.05 3.35
N SER A 438 6.59 7.39 4.46
CA SER A 438 5.21 7.31 4.96
C SER A 438 5.10 7.84 6.39
N LEU A 439 4.48 9.03 6.51
CA LEU A 439 4.31 9.69 7.80
C LEU A 439 2.85 9.46 8.17
N LEU A 440 2.64 8.42 8.94
CA LEU A 440 1.31 7.94 9.31
C LEU A 440 0.66 8.66 10.50
N PHE A 441 0.36 9.97 10.33
CA PHE A 441 -0.26 10.80 11.36
C PHE A 441 -1.70 10.42 11.69
N SER A 442 -1.95 10.22 12.99
CA SER A 442 -3.25 9.91 13.59
C SER A 442 -3.71 11.17 14.31
N SER A 443 -4.87 11.69 13.90
CA SER A 443 -5.43 12.92 14.47
C SER A 443 -6.22 12.65 15.76
N VAL A 444 -5.92 13.41 16.84
CA VAL A 444 -6.63 13.24 18.12
C VAL A 444 -7.80 14.26 18.35
N ALA A 445 -7.49 15.57 18.45
CA ALA A 445 -8.50 16.63 18.66
C ALA A 445 -8.87 17.34 17.32
N PRO A 446 -9.97 18.16 17.21
CA PRO A 446 -10.23 18.85 15.94
C PRO A 446 -9.11 19.84 15.62
N ASN A 447 -8.47 20.40 16.69
CA ASN A 447 -7.33 21.31 16.66
C ASN A 447 -6.23 20.67 15.83
N ASP A 448 -6.05 19.34 16.04
CA ASP A 448 -5.06 18.47 15.43
C ASP A 448 -5.26 18.25 13.97
N LEU A 449 -6.49 17.91 13.50
CA LEU A 449 -6.71 17.66 12.08
C LEU A 449 -6.28 18.79 11.16
N ALA A 450 -6.75 20.03 11.44
CA ALA A 450 -6.41 21.21 10.66
C ALA A 450 -4.88 21.49 10.71
N ARG A 451 -4.28 21.34 11.90
CA ARG A 451 -2.85 21.51 12.12
C ARG A 451 -2.06 20.47 11.30
N LEU A 452 -2.48 19.20 11.34
CA LEU A 452 -1.81 18.11 10.61
C LEU A 452 -1.91 18.30 9.12
N GLN A 453 -3.07 18.73 8.60
CA GLN A 453 -3.28 19.03 7.16
C GLN A 453 -2.41 20.20 6.67
N GLU A 454 -2.23 21.25 7.51
CA GLU A 454 -1.39 22.40 7.16
C GLU A 454 0.08 21.99 7.15
N GLN A 455 0.47 21.11 8.09
CA GLN A 455 1.82 20.58 8.23
C GLN A 455 2.24 19.77 6.98
N ASN A 456 1.31 18.96 6.41
CA ASN A 456 1.53 18.20 5.17
C ASN A 456 1.70 19.16 3.97
N ARG A 457 0.86 20.21 3.93
CA ARG A 457 0.97 21.25 2.93
C ARG A 457 2.35 21.93 3.02
N ARG A 458 2.83 22.18 4.25
CA ARG A 458 4.14 22.78 4.51
C ARG A 458 5.31 21.84 4.15
N ILE A 459 5.15 20.53 4.37
CA ILE A 459 6.16 19.52 4.00
C ILE A 459 6.33 19.50 2.48
N LEU A 460 5.20 19.45 1.74
CA LEU A 460 5.22 19.45 0.27
C LEU A 460 5.79 20.79 -0.30
N ARG A 461 5.45 21.93 0.33
CA ARG A 461 5.95 23.27 -0.02
C ARG A 461 7.48 23.28 0.13
N PHE A 462 8.00 22.74 1.26
CA PHE A 462 9.44 22.64 1.50
C PHE A 462 10.09 21.85 0.33
N CYS A 463 9.51 20.69 -0.02
CA CYS A 463 10.02 19.83 -1.08
C CYS A 463 10.02 20.54 -2.43
N ASP A 464 8.94 21.29 -2.74
CA ASP A 464 8.79 22.06 -4.00
C ASP A 464 9.81 23.16 -4.09
N LEU A 465 9.99 23.94 -2.99
CA LEU A 465 10.96 25.02 -2.94
C LEU A 465 12.43 24.54 -2.96
N ALA A 466 12.72 23.33 -2.42
CA ALA A 466 14.08 22.77 -2.41
C ALA A 466 14.44 22.04 -3.72
N GLY A 467 13.45 21.90 -4.61
CA GLY A 467 13.62 21.25 -5.90
C GLY A 467 13.64 19.73 -5.85
N ILE A 468 12.94 19.13 -4.88
CA ILE A 468 12.88 17.67 -4.74
C ILE A 468 11.81 17.09 -5.68
N GLN A 469 12.25 16.21 -6.61
CA GLN A 469 11.42 15.53 -7.61
C GLN A 469 10.75 14.26 -7.04
N TYR A 470 9.91 14.44 -6.00
CA TYR A 470 9.18 13.34 -5.36
C TYR A 470 7.94 12.94 -6.18
N LYS A 471 7.35 11.80 -5.82
CA LYS A 471 6.05 11.35 -6.34
C LYS A 471 5.23 11.07 -5.11
N THR A 472 3.96 11.49 -5.10
CA THR A 472 3.10 11.17 -3.96
C THR A 472 2.63 9.73 -4.17
N TYR A 473 2.26 9.07 -3.08
CA TYR A 473 1.72 7.72 -3.11
C TYR A 473 0.46 7.75 -2.25
N LEU A 474 -0.65 7.14 -2.72
CA LEU A 474 -1.95 7.05 -2.04
C LEU A 474 -2.72 8.38 -1.92
N ALA A 475 -2.24 9.39 -2.65
CA ALA A 475 -2.84 10.71 -2.63
C ALA A 475 -3.58 10.98 -3.93
N ARG A 476 -4.70 11.68 -3.80
CA ARG A 476 -5.43 12.13 -4.97
C ARG A 476 -5.30 13.65 -5.06
N HIS A 477 -4.88 14.11 -6.24
CA HIS A 477 -4.69 15.52 -6.58
C HIS A 477 -6.04 16.10 -7.04
N THR A 478 -6.25 17.40 -6.85
CA THR A 478 -7.50 18.10 -7.19
C THR A 478 -7.37 18.98 -8.44
N ASP A 479 -6.14 19.20 -8.90
CA ASP A 479 -5.85 20.02 -10.07
C ASP A 479 -5.31 19.12 -11.18
N ARG A 480 -5.71 19.41 -12.42
CA ARG A 480 -5.28 18.70 -13.62
C ARG A 480 -3.76 18.86 -13.82
N SER A 481 -3.20 20.06 -13.54
CA SER A 481 -1.76 20.33 -13.67
C SER A 481 -0.91 19.42 -12.75
N ASP A 482 -1.46 19.08 -11.57
CA ASP A 482 -0.88 18.18 -10.55
C ASP A 482 -0.84 16.72 -11.03
N TRP A 483 -1.95 16.20 -11.59
CA TRP A 483 -1.98 14.82 -12.12
C TRP A 483 -1.04 14.67 -13.33
N VAL A 484 -0.96 15.71 -14.21
CA VAL A 484 -0.07 15.75 -15.38
C VAL A 484 1.40 15.66 -14.90
N ARG A 485 1.76 16.46 -13.87
CA ARG A 485 3.10 16.46 -13.25
C ARG A 485 3.40 15.13 -12.53
N HIS A 486 2.36 14.55 -11.86
CA HIS A 486 2.45 13.28 -11.15
C HIS A 486 2.92 12.16 -12.11
N PHE A 487 2.23 11.99 -13.25
CA PHE A 487 2.59 10.93 -14.19
C PHE A 487 3.77 11.30 -15.10
N GLY A 488 3.96 12.59 -15.33
CA GLY A 488 4.90 13.10 -16.32
C GLY A 488 4.09 13.24 -17.59
N ALA A 489 4.28 14.33 -18.37
CA ALA A 489 3.48 14.61 -19.56
C ALA A 489 3.34 13.48 -20.58
N ALA A 490 4.45 12.81 -20.93
CA ALA A 490 4.46 11.70 -21.91
C ALA A 490 3.68 10.48 -21.43
N LYS A 491 3.79 10.18 -20.12
CA LYS A 491 3.08 9.09 -19.45
C LYS A 491 1.60 9.46 -19.26
N TRP A 492 1.29 10.76 -19.08
CA TRP A 492 -0.08 11.28 -18.93
C TRP A 492 -0.94 11.03 -20.19
N ASN A 493 -0.36 11.26 -21.39
CA ASN A 493 -0.98 11.01 -22.70
C ASN A 493 -1.30 9.53 -22.91
N ARG A 494 -0.47 8.64 -22.37
CA ARG A 494 -0.63 7.18 -22.41
C ARG A 494 -1.84 6.84 -21.54
N PHE A 495 -1.88 7.39 -20.29
CA PHE A 495 -2.96 7.21 -19.30
C PHE A 495 -4.32 7.65 -19.88
N VAL A 496 -4.34 8.80 -20.57
CA VAL A 496 -5.52 9.36 -21.25
C VAL A 496 -5.93 8.46 -22.42
N GLU A 497 -4.97 8.00 -23.24
CA GLU A 497 -5.24 7.09 -24.36
C GLU A 497 -5.95 5.85 -23.84
N MET A 498 -5.45 5.30 -22.71
CA MET A 498 -6.03 4.14 -22.05
C MET A 498 -7.40 4.43 -21.44
N LYS A 499 -7.67 5.67 -21.02
CA LYS A 499 -8.97 6.06 -20.48
C LYS A 499 -9.99 6.15 -21.63
N ASN A 500 -9.55 6.62 -22.80
CA ASN A 500 -10.41 6.74 -23.97
C ASN A 500 -10.80 5.37 -24.57
N LYS A 501 -9.93 4.36 -24.42
CA LYS A 501 -10.18 3.01 -24.91
C LYS A 501 -11.03 2.18 -23.92
N TYR A 502 -10.82 2.37 -22.60
CA TYR A 502 -11.47 1.55 -21.57
C TYR A 502 -12.59 2.15 -20.73
N ASP A 503 -12.61 3.48 -20.55
CA ASP A 503 -13.70 4.17 -19.84
C ASP A 503 -14.01 5.50 -20.59
N PRO A 504 -14.57 5.43 -21.83
CA PRO A 504 -14.86 6.67 -22.57
C PRO A 504 -15.84 7.60 -21.86
N LYS A 505 -16.76 7.02 -21.07
CA LYS A 505 -17.78 7.77 -20.33
C LYS A 505 -17.29 8.42 -19.05
N ARG A 506 -16.02 8.14 -18.67
CA ARG A 506 -15.39 8.70 -17.47
C ARG A 506 -16.25 8.51 -16.22
N LEU A 507 -16.70 7.26 -15.98
CA LEU A 507 -17.54 6.90 -14.83
C LEU A 507 -16.76 6.19 -13.72
N LEU A 508 -15.63 5.53 -14.05
CA LEU A 508 -14.89 4.73 -13.06
C LEU A 508 -14.03 5.49 -12.08
N SER A 509 -14.07 5.03 -10.81
CA SER A 509 -13.37 5.57 -9.63
C SER A 509 -13.26 7.11 -9.65
N PRO A 510 -14.43 7.83 -9.63
CA PRO A 510 -14.40 9.30 -9.69
C PRO A 510 -13.64 10.01 -8.56
N GLY A 511 -13.58 9.37 -7.38
CA GLY A 511 -12.91 9.86 -6.18
C GLY A 511 -11.42 10.11 -6.29
N GLN A 512 -10.79 9.71 -7.42
CA GLN A 512 -9.36 9.93 -7.72
C GLN A 512 -9.18 11.36 -8.25
N ASP A 513 -10.27 11.97 -8.78
CA ASP A 513 -10.35 13.37 -9.25
C ASP A 513 -9.44 13.66 -10.46
N ILE A 514 -9.23 12.64 -11.30
CA ILE A 514 -8.39 12.76 -12.50
C ILE A 514 -9.27 13.24 -13.66
N PHE A 515 -10.38 12.54 -13.90
CA PHE A 515 -11.30 12.83 -14.99
C PHE A 515 -12.67 13.24 -14.49
N ASN A 516 -12.81 13.40 -13.16
CA ASN A 516 -14.05 13.77 -12.47
C ASN A 516 -13.83 14.89 -11.44
C1 NAG B . 14.73 15.51 24.03
C2 NAG B . 15.70 16.67 24.36
C3 NAG B . 15.79 16.83 25.94
C4 NAG B . 14.41 16.73 26.66
C5 NAG B . 13.28 15.88 25.99
C6 NAG B . 11.89 16.53 26.32
C7 NAG B . 17.34 17.44 22.48
C8 NAG B . 18.74 17.25 22.01
N2 NAG B . 17.01 16.70 23.63
O3 NAG B . 16.33 18.15 26.21
O4 NAG B . 14.51 16.52 28.09
O5 NAG B . 13.42 15.81 24.51
O6 NAG B . 10.84 15.58 26.55
O7 NAG B . 16.57 18.19 21.87
C1 NAG B . 14.05 17.68 28.89
C2 NAG B . 13.64 17.27 30.35
C3 NAG B . 13.09 18.50 31.16
C4 NAG B . 14.05 19.71 31.09
C5 NAG B . 14.18 20.12 29.58
C6 NAG B . 15.15 21.31 29.34
C7 NAG B . 12.96 14.81 30.26
C8 NAG B . 11.74 13.93 30.23
N2 NAG B . 12.64 16.17 30.32
O3 NAG B . 12.82 18.14 32.54
O4 NAG B . 13.58 20.80 31.94
O5 NAG B . 14.59 19.02 28.69
O6 NAG B . 16.38 21.22 30.08
O7 NAG B . 14.12 14.35 30.23
PA FAD C . -10.23 0.88 -1.68
O1A FAD C . -9.66 1.98 -0.76
O2A FAD C . -11.65 0.39 -1.38
O5B FAD C . -10.16 1.30 -3.16
C5B FAD C . -9.02 2.05 -3.62
C4B FAD C . -9.24 2.45 -5.10
O4B FAD C . -9.04 1.29 -5.95
C3B FAD C . -10.66 3.02 -5.41
O3B FAD C . -10.49 4.02 -6.42
C2B FAD C . -11.41 1.76 -6.00
O2B FAD C . -12.48 2.02 -6.91
C1B FAD C . -10.26 0.92 -6.62
N9A FAD C . -10.48 -0.52 -6.55
C8A FAD C . -10.72 -1.32 -5.43
N7A FAD C . -10.88 -2.58 -5.72
C5A FAD C . -10.70 -2.61 -7.12
C6A FAD C . -10.71 -3.70 -8.09
N6A FAD C . -10.95 -5.00 -7.75
N1A FAD C . -10.45 -3.40 -9.41
C2A FAD C . -10.21 -2.10 -9.77
N3A FAD C . -10.21 -1.00 -8.93
C4A FAD C . -10.45 -1.34 -7.64
N1 FAD C . -0.45 0.42 0.75
C2 FAD C . 0.80 -0.10 0.44
O2 FAD C . 1.18 -0.13 -0.72
N3 FAD C . 1.62 -0.56 1.44
C4 FAD C . 1.32 -0.61 2.77
O4 FAD C . 2.06 -1.02 3.62
C4X FAD C . -0.05 -0.10 3.15
N5 FAD C . -0.46 -0.13 4.43
C5X FAD C . -1.74 0.34 4.72
C6 FAD C . -2.17 0.26 6.07
C7 FAD C . -3.50 0.65 6.44
C7M FAD C . -3.92 0.51 7.89
C8 FAD C . -4.38 1.16 5.42
C8M FAD C . -5.78 1.62 5.73
C9 FAD C . -3.96 1.25 4.10
C9A FAD C . -2.63 0.89 3.71
N10 FAD C . -2.17 0.95 2.35
C10 FAD C . -0.91 0.44 2.00
C1' FAD C . -2.98 1.50 1.30
C2' FAD C . -3.77 0.45 0.53
O2' FAD C . -2.92 -0.12 -0.44
C3' FAD C . -4.88 1.33 -0.10
O3' FAD C . -5.70 1.98 0.87
C4' FAD C . -5.66 0.78 -1.29
O4' FAD C . -6.75 1.64 -1.63
C5' FAD C . -6.12 -0.64 -1.10
O5' FAD C . -7.14 -0.65 -0.10
P FAD C . -8.64 -1.25 -0.40
O1P FAD C . -8.45 -2.69 -0.76
O2P FAD C . -9.29 -1.05 0.91
O3P FAD C . -9.19 -0.39 -1.65
N1 ZIR D . 0.10 1.23 8.61
C2 ZIR D . -0.22 1.39 9.85
N3 ZIR D . 0.60 0.99 10.81
C4 ZIR D . 1.81 0.44 10.60
C5 ZIR D . 2.19 0.31 9.31
C6 ZIR D . 1.29 0.72 8.32
N7 ZIR D . 3.39 -0.24 9.32
C8 ZIR D . 3.72 -0.41 10.56
N9 ZIR D . 2.77 -0.01 11.36
C1' ZIR D . 2.86 -0.04 12.93
N10 ZIR D . 1.61 0.63 7.06
C11 ZIR D . 1.30 1.70 6.13
C12 ZIR D . 2.17 1.79 5.08
C13 ZIR D . 1.87 2.58 4.00
C14 ZIR D . 2.79 2.66 2.79
C15 ZIR D . 0.54 3.31 4.05
C2' ZIR D . 3.05 -1.34 13.71
O2' ZIR D . 1.79 -1.91 13.98
C3' ZIR D . 3.83 -0.94 14.98
O3' ZIR D . 3.06 -0.33 16.02
C4' ZIR D . 4.75 0.08 14.40
O4' ZIR D . 3.99 0.74 13.39
C5' ZIR D . 5.94 -0.68 13.83
O5' ZIR D . 7.09 -0.43 14.66
C1 GOL E . -11.60 0.51 9.52
O1 GOL E . -10.44 -0.34 9.28
C2 GOL E . -11.68 1.68 8.52
O2 GOL E . -12.60 2.68 8.95
C3 GOL E . -11.76 1.23 7.02
O3 GOL E . -12.97 1.59 6.33
C1 GOL F . 13.56 -14.06 0.29
O1 GOL F . 14.69 -13.25 0.52
C2 GOL F . 13.50 -14.21 -1.22
O2 GOL F . 12.16 -14.21 -1.59
C3 GOL F . 14.09 -15.55 -1.65
O3 GOL F . 15.51 -15.58 -1.39
C1 GOL G . 14.54 6.34 30.23
O1 GOL G . 15.24 5.85 31.36
C2 GOL G . 13.14 5.73 30.14
O2 GOL G . 13.13 4.76 29.10
C3 GOL G . 12.10 6.83 29.83
O3 GOL G . 10.76 6.34 29.85
C1 GOL H . 30.19 7.42 5.04
O1 GOL H . 31.19 8.43 5.26
C2 GOL H . 29.05 7.96 4.17
O2 GOL H . 28.04 8.54 5.00
C3 GOL H . 28.45 6.86 3.28
O3 GOL H . 27.83 7.46 2.14
C1 GOL I . 11.34 -4.91 -14.06
O1 GOL I . 10.93 -3.72 -14.74
C2 GOL I . 10.24 -5.41 -13.12
O2 GOL I . 10.62 -6.65 -12.50
C3 GOL I . 9.05 -5.73 -13.98
O3 GOL I . 7.83 -5.39 -13.36
C1 GOL J . 10.59 -13.13 20.25
O1 GOL J . 11.62 -13.88 19.57
C2 GOL J . 9.22 -13.19 19.55
O2 GOL J . 8.49 -11.98 19.78
C3 GOL J . 8.37 -14.41 19.97
O3 GOL J . 6.95 -14.25 19.69
C1 GOL K . 23.75 11.19 28.67
O1 GOL K . 24.97 10.81 29.34
C2 GOL K . 22.64 10.10 28.73
O2 GOL K . 21.41 10.73 28.39
C3 GOL K . 22.52 9.43 30.13
O3 GOL K . 21.34 8.66 30.33
C1 GOL L . 15.73 3.85 33.79
O1 GOL L . 15.77 5.25 34.11
C2 GOL L . 14.30 3.31 33.98
O2 GOL L . 14.32 2.46 35.15
C3 GOL L . 13.79 2.52 32.75
O3 GOL L . 12.37 2.33 32.73
C1 GOL M . 15.54 -14.42 18.95
O1 GOL M . 15.45 -13.87 20.26
C2 GOL M . 16.73 -15.36 18.90
O2 GOL M . 17.88 -14.65 18.47
C3 GOL M . 16.44 -16.52 17.94
O3 GOL M . 17.57 -17.40 17.87
C1 GOL N . 22.69 -4.33 27.89
O1 GOL N . 21.34 -4.82 27.97
C2 GOL N . 23.63 -5.23 27.08
O2 GOL N . 24.66 -4.45 26.46
C3 GOL N . 22.94 -6.11 26.02
O3 GOL N . 23.82 -7.16 25.62
C1 GOL O . 4.93 4.26 16.65
O1 GOL O . 6.11 3.59 17.12
C2 GOL O . 3.67 3.47 17.02
O2 GOL O . 3.40 2.45 16.06
C3 GOL O . 2.46 4.38 17.12
O3 GOL O . 1.26 3.64 17.34
C1 GOL P . 0.27 1.51 13.56
O1 GOL P . -0.02 0.16 13.15
C2 GOL P . -1.02 2.33 13.44
O2 GOL P . -1.93 1.87 12.43
C3 GOL P . -0.74 3.81 13.33
O3 GOL P . -1.19 4.48 14.51
C1 GOL Q . 7.05 -12.93 -12.17
O1 GOL Q . 5.81 -13.36 -11.66
C2 GOL Q . 7.05 -11.42 -12.04
O2 GOL Q . 6.12 -10.92 -13.00
C3 GOL Q . 8.46 -10.89 -12.27
O3 GOL Q . 8.53 -9.46 -12.17
C1 GOL R . -1.08 6.10 -5.76
O1 GOL R . -2.35 6.17 -5.07
C2 GOL R . -0.69 7.49 -6.37
O2 GOL R . 0.68 7.59 -6.33
C3 GOL R . -1.28 8.77 -5.73
O3 GOL R . -0.44 9.88 -5.28
C2 15P S . 30.10 1.71 24.34
O1 15P S . 31.49 1.77 24.65
C3 15P S . 32.26 2.38 23.63
C4 15P S . 32.14 1.64 22.30
O2 15P S . 32.27 2.63 21.29
C5 15P S . 31.22 2.43 20.36
C6 15P S . 30.17 3.50 20.63
O3 15P S . 28.82 3.01 20.68
C7 15P S . 28.61 2.02 21.71
C8 15P S . 27.28 2.06 22.48
O4 15P S . 27.22 2.90 23.64
C2 15P T . 9.24 -3.91 14.75
O1 15P T . 8.08 -3.49 15.45
C3 15P T . 7.34 -4.63 15.94
C4 15P T . 5.83 -4.58 15.72
O2 15P T . 5.31 -4.97 14.44
C5 15P T . 5.23 -3.79 13.61
C6 15P T . 6.53 -3.69 12.80
O3 15P T . 6.53 -2.51 12.00
C7 15P T . 6.63 -2.91 10.65
C8 15P T . 6.49 -1.63 9.82
O4 15P T . 5.76 -1.87 8.63
C2 15P U . 23.57 16.41 8.73
O1 15P U . 22.17 16.23 9.09
C3 15P U . 21.86 17.01 10.30
C4 15P U . 21.56 18.53 10.11
O2 15P U . 20.17 18.89 10.33
C5 15P U . 20.00 20.27 10.76
C6 15P U . 18.54 20.64 11.12
O3 15P U . 17.73 20.96 9.97
C7 15P U . 17.98 22.34 9.58
C8 15P U . 17.85 22.62 8.05
O4 15P U . 19.12 22.49 7.36
C2 15P V . 22.77 -9.32 17.88
O1 15P V . 22.56 -9.21 19.29
C3 15P V . 21.23 -9.69 19.55
C4 15P V . 20.63 -9.10 20.83
O2 15P V . 19.23 -9.45 20.95
C5 15P V . 18.54 -8.46 21.77
C6 15P V . 17.02 -8.63 21.62
O3 15P V . 16.29 -7.60 22.33
C7 15P V . 15.11 -7.22 21.58
C8 15P V . 14.02 -8.28 21.64
O4 15P V . 12.75 -7.66 21.48
C1 PEG W . 24.34 7.29 1.53
O1 PEG W . 25.20 7.76 2.57
C2 PEG W . 25.04 6.61 0.39
O2 PEG W . 24.68 5.21 0.24
C3 PEG W . 25.80 4.36 0.38
C4 PEG W . 25.48 2.99 -0.01
O4 PEG W . 25.57 2.16 1.08
C1 PEG X . -1.78 -15.12 12.43
O1 PEG X . -0.64 -14.59 13.09
C2 PEG X . -1.71 -14.89 10.96
O2 PEG X . -2.68 -15.71 10.31
C3 PEG X . -2.24 -16.29 9.09
C4 PEG X . -2.21 -17.78 9.20
O4 PEG X . -1.97 -18.39 7.96
C1 PEG Y . -30.89 6.65 -7.95
O1 PEG Y . -32.04 7.13 -7.30
C2 PEG Y . -30.84 5.16 -7.96
O2 PEG Y . -29.66 4.70 -8.58
C3 PEG Y . -29.84 3.62 -9.49
C4 PEG Y . -28.69 3.48 -10.42
O4 PEG Y . -28.72 2.28 -11.20
C1 PEG Z . 1.48 -2.63 21.03
O1 PEG Z . 2.62 -3.44 20.91
C2 PEG Z . 1.82 -1.16 21.07
O2 PEG Z . 0.61 -0.41 21.09
C3 PEG Z . 0.72 1.00 20.87
C4 PEG Z . -0.53 1.74 21.30
O4 PEG Z . -1.76 1.18 20.81
C1 NAG AA . -15.29 9.92 10.97
C2 NAG AA . -16.54 10.36 10.20
C3 NAG AA . -17.75 10.61 11.19
C4 NAG AA . -17.83 9.67 12.48
C5 NAG AA . -16.44 9.04 12.89
C6 NAG AA . -16.62 7.76 13.75
C7 NAG AA . -15.96 11.51 8.02
C8 NAG AA . -15.62 12.85 7.45
N2 NAG AA . -16.18 11.53 9.37
O3 NAG AA . -18.95 10.50 10.41
O4 NAG AA . -18.38 10.37 13.65
O5 NAG AA . -15.56 8.75 11.75
O6 NAG AA . -17.13 6.68 12.95
O7 NAG AA . -16.02 10.49 7.31
C1 NAG BA . 22.73 19.93 21.31
C2 NAG BA . 23.62 21.22 21.41
C3 NAG BA . 22.83 22.57 21.19
C4 NAG BA . 21.89 22.47 19.93
C5 NAG BA . 20.97 21.26 20.24
C6 NAG BA . 19.73 21.10 19.36
C7 NAG BA . 25.90 20.65 22.47
C8 NAG BA . 26.24 19.89 21.21
N2 NAG BA . 24.64 21.25 22.50
O3 NAG BA . 23.75 23.70 21.07
O4 NAG BA . 21.18 23.72 19.64
O5 NAG BA . 21.76 20.02 20.24
O6 NAG BA . 20.03 20.28 18.25
O7 NAG BA . 26.70 20.73 23.42
#